data_7SDZ
#
_entry.id   7SDZ
#
_cell.length_a   105.839
_cell.length_b   105.839
_cell.length_c   93.477
_cell.angle_alpha   90.000
_cell.angle_beta   90.000
_cell.angle_gamma   120.000
#
_symmetry.space_group_name_H-M   'H 3'
#
loop_
_entity.id
_entity.type
_entity.pdbx_description
1 polymer "DNA (5'-D(*GP*AP*GP*CP*AP*GP*CP*CP*TP*GP*TP*(5IU)P*TP*GP*GP*AP*CP*AP*TP*CP*A)-3')"
2 polymer "DNA (5'-D(P*CP*CP*AP*(IMC)P*AP*CP*A)-3')"
3 polymer "DNA (5'-D(P*GP*GP*CP*TP*GP*CP*T)-3')"
4 polymer "DNA (5'-D(P*CP*TP*GP*AP*TP*GP*T)-3')"
5 non-polymer 'MERCURY (II) ION'
#
loop_
_entity_poly.entity_id
_entity_poly.type
_entity_poly.pdbx_seq_one_letter_code
_entity_poly.pdbx_strand_id
1 'polydeoxyribonucleotide'
;(DG)(DA)(DG)(DC)(DA)(DG)(DC)(DC)(DT)(DG)(DT)(5IU)(DT)(DG)(DG)(DA)(DC)(DA)(DT)
(DC)(DA)
;
A
2 'polydeoxyribonucleotide' (DC)(DC)(DA)(IMC)(DA)(DC)(DA) B
3 'polydeoxyribonucleotide' (DG)(DG)(DC)(DT)(DG)(DC)(DT) C
4 'polydeoxyribonucleotide' (DC)(DT)(DG)(DA)(DT)(DG)(DT) D
#